data_5UF7
#
_entry.id   5UF7
#
_cell.length_a   114.062
_cell.length_b   270.921
_cell.length_c   47.735
_cell.angle_alpha   90.000
_cell.angle_beta   90.000
_cell.angle_gamma   90.000
#
_symmetry.space_group_name_H-M   'P 21 21 2'
#
_entity_poly.entity_id   1
_entity_poly.type   'polypeptide(L)'
_entity_poly.pdbx_seq_one_letter_code
;GKERFVKLLDQLHNSLRIDLSMYRNNFPASSPERLQDLKSTVDLLTSITFFRMKVQELQSPPRASQVVKDCVKACLNSTY
EYIFNNCHELYGREYQTDPAKKGEVPPEEQGPSIKNLDFWSKLITLIVSIIEEDKNSYTPCLNQFPQELNVGKISAEVMW
SLFAQDMKYAMEEHDKHRLCKSADYMNLHFKVKWLYNEYVAELPTFKDRVPEYPAWFEPFVIQWLDENEEVSRDFLHGAL
ERDKKDGFQQTSEHALFSCSVVDVFSQLNQSFEIIKKLECPDPQIVGHYMRRFAKTISNVLLQYADIVSKDFASYCSKEK
EKVPCILMNNTQQLRVQLEKMFEAMGGKELDAEASGTLKELQVKLNNVLDELSHVFATSFQPHIEECVRQMGDILSQVKG
TGNVPASACSSVAQDADNVLQPIMDLLDSNLTLFAKICEKTVLKRVLKELWKLVMNTMERTIVLPPEFSKLKDHMVREEA
KSLTPKQCAVVELALDTIKQYFHAGGVGLKKTFLEKSPDLQSLRYALSLYTQATDLLIKTFVQTQSA
;
_entity_poly.pdbx_strand_id   A
#
# COMPACT_ATOMS: atom_id res chain seq x y z
N GLY A 1 68.62 -20.43 -37.21
CA GLY A 1 68.84 -19.06 -37.62
C GLY A 1 67.73 -18.13 -37.17
N LYS A 2 66.76 -17.90 -38.05
CA LYS A 2 65.57 -17.13 -37.69
C LYS A 2 64.62 -17.94 -36.80
N GLU A 3 64.79 -19.26 -36.74
CA GLU A 3 63.99 -20.06 -35.83
C GLU A 3 64.44 -19.87 -34.38
N ARG A 4 65.74 -19.63 -34.18
CA ARG A 4 66.23 -19.29 -32.85
C ARG A 4 65.71 -17.94 -32.39
N PHE A 5 65.31 -17.08 -33.32
CA PHE A 5 64.84 -15.73 -33.01
C PHE A 5 63.35 -15.71 -32.66
N VAL A 6 62.54 -16.51 -33.34
CA VAL A 6 61.11 -16.52 -33.06
C VAL A 6 60.86 -17.17 -31.69
N LYS A 7 61.59 -18.24 -31.37
CA LYS A 7 61.50 -18.82 -30.04
C LYS A 7 61.96 -17.83 -28.98
N LEU A 8 62.90 -16.95 -29.32
CA LEU A 8 63.36 -15.95 -28.38
C LEU A 8 62.27 -14.94 -28.05
N LEU A 9 61.53 -14.48 -29.07
CA LEU A 9 60.44 -13.54 -28.83
C LEU A 9 59.33 -14.19 -28.01
N ASP A 10 58.94 -15.41 -28.38
CA ASP A 10 57.91 -16.12 -27.64
C ASP A 10 58.25 -16.17 -26.15
N GLN A 11 59.50 -16.48 -25.82
CA GLN A 11 59.89 -16.56 -24.42
C GLN A 11 59.84 -15.20 -23.74
N LEU A 12 60.12 -14.13 -24.46
CA LEU A 12 60.04 -12.79 -23.86
C LEU A 12 58.58 -12.33 -23.76
N HIS A 13 57.81 -12.51 -24.83
CA HIS A 13 56.38 -12.23 -24.75
C HIS A 13 55.74 -13.01 -23.61
N ASN A 14 56.14 -14.28 -23.44
CA ASN A 14 55.60 -15.08 -22.36
C ASN A 14 56.04 -14.54 -21.00
N SER A 15 57.30 -14.13 -20.88
CA SER A 15 57.81 -13.64 -19.60
C SER A 15 57.05 -12.39 -19.16
N LEU A 16 56.73 -11.50 -20.10
CA LEU A 16 55.99 -10.28 -19.76
C LEU A 16 54.56 -10.60 -19.37
N ARG A 17 53.92 -11.54 -20.11
CA ARG A 17 52.60 -12.00 -19.72
C ARG A 17 52.56 -12.44 -18.27
N ILE A 18 53.54 -13.25 -17.85
CA ILE A 18 53.59 -13.72 -16.47
C ILE A 18 53.69 -12.54 -15.51
N ASP A 19 54.48 -11.53 -15.87
CA ASP A 19 54.65 -10.37 -15.00
C ASP A 19 53.36 -9.57 -14.90
N LEU A 20 52.62 -9.45 -16.01
CA LEU A 20 51.38 -8.68 -16.00
C LEU A 20 50.22 -9.45 -15.39
N SER A 21 50.26 -10.78 -15.43
CA SER A 21 49.21 -11.58 -14.82
C SER A 21 49.17 -11.44 -13.31
N MET A 22 50.13 -10.73 -12.71
CA MET A 22 50.12 -10.40 -11.29
C MET A 22 50.51 -8.94 -11.11
N TYR A 23 49.92 -8.06 -11.93
CA TYR A 23 50.36 -6.66 -11.96
C TYR A 23 50.12 -5.98 -10.62
N ARG A 24 49.01 -6.31 -9.96
CA ARG A 24 48.69 -5.67 -8.68
C ARG A 24 49.76 -5.98 -7.65
N ASN A 25 50.19 -7.24 -7.58
CA ASN A 25 51.21 -7.63 -6.63
C ASN A 25 52.59 -7.19 -7.08
N ASN A 26 52.87 -7.27 -8.39
CA ASN A 26 54.18 -6.92 -8.91
C ASN A 26 54.38 -5.42 -9.09
N PHE A 27 53.30 -4.65 -9.19
CA PHE A 27 53.38 -3.21 -9.37
C PHE A 27 52.36 -2.55 -8.44
N PRO A 28 52.64 -2.54 -7.13
CA PRO A 28 51.66 -1.99 -6.18
C PRO A 28 51.35 -0.53 -6.50
N ALA A 29 50.08 -0.16 -6.31
CA ALA A 29 49.68 1.22 -6.51
C ALA A 29 50.39 2.17 -5.55
N SER A 30 50.95 1.64 -4.46
CA SER A 30 51.63 2.49 -3.48
C SER A 30 52.82 3.21 -4.09
N SER A 31 53.47 2.61 -5.09
CA SER A 31 54.73 3.12 -5.61
C SER A 31 54.49 3.83 -6.94
N PRO A 32 54.72 5.13 -7.06
CA PRO A 32 54.62 5.76 -8.39
C PRO A 32 55.69 5.28 -9.35
N GLU A 33 56.91 5.07 -8.85
CA GLU A 33 57.99 4.57 -9.70
C GLU A 33 57.64 3.20 -10.25
N ARG A 34 56.98 2.36 -9.45
CA ARG A 34 56.64 1.02 -9.88
C ARG A 34 55.47 1.00 -10.84
N LEU A 35 54.52 1.93 -10.68
CA LEU A 35 53.46 2.07 -11.67
C LEU A 35 54.03 2.51 -13.02
N GLN A 36 55.08 3.33 -13.01
CA GLN A 36 55.74 3.67 -14.26
C GLN A 36 56.36 2.44 -14.91
N ASP A 37 56.99 1.56 -14.11
CA ASP A 37 57.55 0.33 -14.65
C ASP A 37 56.46 -0.53 -15.28
N LEU A 38 55.27 -0.56 -14.68
CA LEU A 38 54.15 -1.26 -15.29
C LEU A 38 53.81 -0.65 -16.64
N LYS A 39 53.70 0.68 -16.70
CA LYS A 39 53.47 1.36 -17.97
C LYS A 39 54.55 0.98 -18.98
N SER A 40 55.82 1.02 -18.55
CA SER A 40 56.92 0.63 -19.43
C SER A 40 56.79 -0.83 -19.85
N THR A 41 56.38 -1.70 -18.92
CA THR A 41 56.26 -3.13 -19.24
C THR A 41 55.21 -3.36 -20.31
N VAL A 42 54.09 -2.63 -20.25
CA VAL A 42 53.07 -2.78 -21.28
C VAL A 42 53.54 -2.16 -22.58
N ASP A 43 54.32 -1.07 -22.52
CA ASP A 43 54.87 -0.47 -23.73
C ASP A 43 55.79 -1.47 -24.44
N LEU A 44 56.69 -2.11 -23.70
CA LEU A 44 57.60 -3.08 -24.32
C LEU A 44 56.82 -4.24 -24.95
N LEU A 45 55.70 -4.64 -24.35
CA LEU A 45 54.92 -5.74 -24.91
C LEU A 45 54.25 -5.33 -26.21
N THR A 46 53.71 -4.12 -26.28
CA THR A 46 53.08 -3.65 -27.51
C THR A 46 54.09 -3.56 -28.64
N SER A 47 55.30 -3.06 -28.35
CA SER A 47 56.31 -2.94 -29.38
C SER A 47 56.68 -4.30 -29.96
N ILE A 48 56.90 -5.29 -29.10
CA ILE A 48 57.17 -6.65 -29.56
C ILE A 48 56.00 -7.15 -30.41
N THR A 49 54.78 -7.07 -29.86
CA THR A 49 53.59 -7.49 -30.61
C THR A 49 53.50 -6.76 -31.94
N PHE A 50 53.69 -5.43 -31.92
CA PHE A 50 53.61 -4.65 -33.15
C PHE A 50 54.65 -5.10 -34.16
N PHE A 51 55.89 -5.30 -33.69
CA PHE A 51 56.96 -5.76 -34.58
C PHE A 51 56.59 -7.09 -35.24
N ARG A 52 55.98 -8.00 -34.50
CA ARG A 52 55.61 -9.29 -35.06
C ARG A 52 54.44 -9.17 -36.03
N MET A 53 53.54 -8.20 -35.81
CA MET A 53 52.46 -7.99 -36.75
C MET A 53 52.98 -7.53 -38.11
N LYS A 54 54.14 -6.87 -38.12
CA LYS A 54 54.70 -6.34 -39.36
C LYS A 54 55.73 -7.29 -39.96
N VAL A 55 56.91 -7.38 -39.34
CA VAL A 55 58.00 -8.17 -39.91
C VAL A 55 57.60 -9.63 -40.02
N GLN A 56 57.22 -10.23 -38.90
CA GLN A 56 56.66 -11.57 -38.95
C GLN A 56 55.33 -11.50 -39.69
N GLU A 57 55.38 -11.25 -41.00
CA GLU A 57 54.18 -11.00 -41.79
C GLU A 57 53.16 -12.12 -41.68
N LEU A 58 53.52 -13.27 -41.11
CA LEU A 58 52.52 -14.26 -40.73
C LEU A 58 51.47 -13.63 -39.82
N GLN A 59 50.29 -14.22 -39.81
CA GLN A 59 49.21 -13.71 -38.97
C GLN A 59 49.61 -13.85 -37.50
N SER A 60 49.54 -12.72 -36.78
CA SER A 60 49.83 -12.68 -35.34
C SER A 60 48.56 -12.23 -34.64
N PRO A 61 47.66 -13.14 -34.28
CA PRO A 61 46.39 -12.74 -33.66
C PRO A 61 46.56 -12.19 -32.25
N PRO A 62 47.70 -12.44 -31.55
CA PRO A 62 47.84 -11.85 -30.21
C PRO A 62 47.89 -10.33 -30.23
N ARG A 63 46.76 -9.68 -30.50
CA ARG A 63 46.68 -8.23 -30.39
C ARG A 63 46.96 -7.80 -28.95
N ALA A 64 47.73 -6.72 -28.80
CA ALA A 64 48.25 -6.35 -27.49
C ALA A 64 47.14 -6.05 -26.50
N SER A 65 46.09 -5.36 -26.95
CA SER A 65 45.02 -5.00 -26.03
C SER A 65 44.35 -6.23 -25.42
N GLN A 66 44.30 -7.34 -26.16
CA GLN A 66 43.69 -8.55 -25.64
C GLN A 66 44.63 -9.31 -24.70
N VAL A 67 45.92 -9.32 -25.02
CA VAL A 67 46.89 -9.96 -24.13
C VAL A 67 46.88 -9.28 -22.77
N VAL A 68 46.99 -7.96 -22.75
CA VAL A 68 46.91 -7.22 -21.49
C VAL A 68 45.58 -7.46 -20.81
N LYS A 69 44.49 -7.40 -21.58
CA LYS A 69 43.17 -7.68 -21.01
C LYS A 69 43.16 -9.01 -20.28
N ASP A 70 43.64 -10.08 -20.92
CA ASP A 70 43.62 -11.39 -20.30
C ASP A 70 44.60 -11.48 -19.14
N CYS A 71 45.72 -10.75 -19.20
CA CYS A 71 46.60 -10.66 -18.03
C CYS A 71 45.90 -10.01 -16.86
N VAL A 72 45.14 -8.93 -17.12
CA VAL A 72 44.42 -8.25 -16.05
C VAL A 72 43.37 -9.17 -15.43
N LYS A 73 42.61 -9.87 -16.27
CA LYS A 73 41.62 -10.81 -15.76
C LYS A 73 42.28 -11.86 -14.86
N ALA A 74 43.46 -12.35 -15.25
CA ALA A 74 44.18 -13.31 -14.41
C ALA A 74 44.49 -12.72 -13.05
N CYS A 75 45.05 -11.50 -13.02
CA CYS A 75 45.35 -10.86 -11.75
C CYS A 75 44.10 -10.68 -10.91
N LEU A 76 42.97 -10.32 -11.56
CA LEU A 76 41.74 -10.12 -10.82
C LEU A 76 41.26 -11.43 -10.19
N ASN A 77 41.28 -12.52 -10.95
CA ASN A 77 40.95 -13.82 -10.39
C ASN A 77 41.85 -14.16 -9.22
N SER A 78 43.15 -13.83 -9.31
CA SER A 78 44.04 -14.01 -8.17
C SER A 78 43.67 -13.06 -7.03
N THR A 79 43.44 -11.79 -7.36
CA THR A 79 43.04 -10.83 -6.34
C THR A 79 41.81 -11.30 -5.59
N TYR A 80 40.77 -11.73 -6.32
CA TYR A 80 39.56 -12.20 -5.66
C TYR A 80 39.85 -13.36 -4.73
N GLU A 81 40.72 -14.27 -5.15
CA GLU A 81 41.08 -15.39 -4.30
C GLU A 81 41.80 -14.91 -3.04
N TYR A 82 42.65 -13.90 -3.18
CA TYR A 82 43.38 -13.38 -2.02
C TYR A 82 42.43 -12.78 -0.99
N ILE A 83 41.59 -11.83 -1.41
CA ILE A 83 40.70 -11.15 -0.46
C ILE A 83 39.67 -12.12 0.09
N PHE A 84 39.24 -13.11 -0.70
CA PHE A 84 38.28 -14.10 -0.19
C PHE A 84 38.89 -14.89 0.96
N ASN A 85 40.16 -15.27 0.84
CA ASN A 85 40.82 -16.08 1.86
C ASN A 85 41.35 -15.25 3.03
N ASN A 86 41.44 -13.94 2.89
CA ASN A 86 41.92 -13.07 3.97
C ASN A 86 40.92 -11.98 4.28
N CYS A 87 39.63 -12.26 4.05
CA CYS A 87 38.60 -11.26 4.25
C CYS A 87 38.62 -10.69 5.66
N HIS A 88 38.83 -11.54 6.67
CA HIS A 88 38.74 -11.12 8.05
C HIS A 88 39.89 -10.17 8.41
N GLU A 89 41.13 -10.59 8.14
CA GLU A 89 42.28 -9.78 8.53
C GLU A 89 42.31 -8.47 7.75
N LEU A 90 42.04 -8.53 6.45
CA LEU A 90 42.08 -7.32 5.63
C LEU A 90 41.04 -6.30 6.11
N TYR A 91 39.84 -6.77 6.44
CA TYR A 91 38.78 -5.86 6.88
C TYR A 91 39.09 -5.31 8.27
N GLY A 92 39.44 -6.19 9.21
CA GLY A 92 39.71 -5.73 10.57
C GLY A 92 40.92 -4.81 10.66
N ARG A 93 41.86 -4.94 9.74
CA ARG A 93 43.05 -4.09 9.77
C ARG A 93 42.69 -2.65 9.42
N GLU A 94 41.79 -2.46 8.44
CA GLU A 94 41.51 -1.15 7.87
C GLU A 94 40.11 -0.66 8.21
N TYR A 95 39.08 -1.39 7.81
CA TYR A 95 37.68 -0.99 8.01
C TYR A 95 37.16 -1.44 9.37
N GLN A 96 37.89 -1.09 10.43
CA GLN A 96 37.54 -1.55 11.76
C GLN A 96 37.42 -0.36 12.71
N THR A 97 36.83 -0.64 13.88
CA THR A 97 36.57 0.39 14.87
C THR A 97 36.86 -0.14 16.28
N ASP A 98 35.95 -0.93 16.84
CA ASP A 98 36.09 -1.39 18.22
C ASP A 98 37.07 -2.57 18.28
N PRO A 99 36.70 -3.79 17.84
CA PRO A 99 37.78 -4.79 17.85
C PRO A 99 38.65 -4.73 16.60
N GLU A 109 35.43 -22.02 11.52
CA GLU A 109 35.64 -21.44 10.20
C GLU A 109 35.92 -19.94 10.29
N GLN A 110 36.30 -19.35 9.16
CA GLN A 110 36.59 -17.93 9.08
C GLN A 110 36.03 -17.26 7.83
N GLY A 111 35.85 -17.98 6.72
CA GLY A 111 35.28 -17.40 5.53
C GLY A 111 33.76 -17.39 5.60
N PRO A 112 33.09 -18.00 4.63
CA PRO A 112 31.62 -17.95 4.61
C PRO A 112 31.02 -18.81 5.71
N SER A 113 30.17 -18.20 6.53
CA SER A 113 29.49 -18.88 7.62
C SER A 113 28.00 -19.00 7.31
N ILE A 114 27.37 -20.03 7.91
CA ILE A 114 25.94 -20.22 7.77
C ILE A 114 25.18 -19.74 9.01
N LYS A 115 25.87 -19.53 10.13
CA LYS A 115 25.27 -18.89 11.30
C LYS A 115 25.30 -17.37 11.21
N ASN A 116 25.99 -16.81 10.22
CA ASN A 116 26.29 -15.38 10.21
C ASN A 116 26.57 -14.94 8.78
N LEU A 117 26.30 -13.66 8.51
CA LEU A 117 26.53 -13.08 7.20
C LEU A 117 27.65 -12.04 7.18
N ASP A 118 28.30 -11.80 8.32
CA ASP A 118 29.31 -10.75 8.40
C ASP A 118 30.34 -10.89 7.28
N PHE A 119 30.80 -12.11 7.02
CA PHE A 119 31.86 -12.32 6.03
C PHE A 119 31.51 -11.66 4.69
N TRP A 120 30.23 -11.66 4.31
CA TRP A 120 29.85 -11.18 2.99
C TRP A 120 29.83 -9.66 2.94
N SER A 121 29.39 -9.00 4.02
CA SER A 121 29.46 -7.54 4.06
C SER A 121 30.90 -7.05 4.05
N LYS A 122 31.81 -7.80 4.67
CA LYS A 122 33.22 -7.43 4.63
C LYS A 122 33.80 -7.65 3.24
N LEU A 123 33.43 -8.76 2.60
CA LEU A 123 33.95 -9.04 1.26
C LEU A 123 33.53 -7.98 0.26
N ILE A 124 32.27 -7.54 0.34
CA ILE A 124 31.80 -6.47 -0.55
C ILE A 124 32.65 -5.22 -0.37
N THR A 125 32.96 -4.88 0.88
CA THR A 125 33.81 -3.71 1.13
C THR A 125 35.18 -3.89 0.47
N LEU A 126 35.80 -5.05 0.64
CA LEU A 126 37.11 -5.29 0.05
C LEU A 126 37.04 -5.35 -1.47
N ILE A 127 35.95 -5.88 -2.02
CA ILE A 127 35.78 -5.86 -3.48
C ILE A 127 35.80 -4.43 -3.99
N VAL A 128 35.03 -3.54 -3.36
CA VAL A 128 35.00 -2.15 -3.78
C VAL A 128 36.40 -1.55 -3.75
N SER A 129 37.17 -1.84 -2.69
CA SER A 129 38.54 -1.34 -2.61
C SER A 129 39.34 -1.74 -3.83
N ILE A 130 39.18 -2.98 -4.29
CA ILE A 130 39.87 -3.41 -5.52
C ILE A 130 39.40 -2.59 -6.71
N ILE A 131 38.08 -2.56 -6.94
CA ILE A 131 37.55 -1.85 -8.09
C ILE A 131 38.00 -0.40 -8.06
N GLU A 132 37.81 0.27 -6.91
CA GLU A 132 38.26 1.65 -6.78
C GLU A 132 39.75 1.78 -7.09
N GLU A 133 40.56 0.81 -6.65
CA GLU A 133 41.98 0.86 -6.94
C GLU A 133 42.25 0.70 -8.43
N ASP A 134 41.56 -0.23 -9.09
CA ASP A 134 41.75 -0.42 -10.52
C ASP A 134 41.26 0.78 -11.31
N LYS A 135 40.27 1.51 -10.78
CA LYS A 135 39.80 2.72 -11.45
C LYS A 135 40.76 3.87 -11.25
N ASN A 136 41.14 4.14 -9.99
CA ASN A 136 41.91 5.34 -9.68
C ASN A 136 43.39 5.18 -10.04
N SER A 137 43.97 4.00 -9.81
CA SER A 137 45.41 3.81 -9.92
C SER A 137 45.83 3.20 -11.25
N TYR A 138 45.27 2.05 -11.62
CA TYR A 138 45.81 1.28 -12.74
C TYR A 138 45.23 1.68 -14.09
N THR A 139 44.04 2.25 -14.14
CA THR A 139 43.46 2.62 -15.42
C THR A 139 44.20 3.80 -16.03
N PRO A 140 44.52 4.85 -15.26
CA PRO A 140 45.39 5.89 -15.81
C PRO A 140 46.78 5.37 -16.18
N CYS A 141 47.21 4.29 -15.55
CA CYS A 141 48.53 3.73 -15.83
C CYS A 141 48.55 3.05 -17.19
N LEU A 142 47.53 2.23 -17.47
CA LEU A 142 47.46 1.48 -18.74
C LEU A 142 46.51 2.19 -19.69
N ASN A 143 46.95 3.36 -20.15
CA ASN A 143 46.18 4.18 -21.09
C ASN A 143 46.65 3.99 -22.53
N GLN A 144 47.21 2.82 -22.86
CA GLN A 144 47.72 2.58 -24.19
C GLN A 144 46.60 2.26 -25.20
N PHE A 145 45.51 1.66 -24.74
CA PHE A 145 44.37 1.29 -25.59
C PHE A 145 43.10 1.72 -24.89
N PRO A 146 42.81 3.02 -24.85
CA PRO A 146 41.62 3.48 -24.11
C PRO A 146 40.31 2.94 -24.66
N GLN A 147 40.26 2.67 -25.97
CA GLN A 147 39.04 2.18 -26.58
C GLN A 147 38.77 0.71 -26.29
N GLU A 148 39.78 -0.04 -25.84
CA GLU A 148 39.62 -1.47 -25.64
C GLU A 148 40.18 -2.00 -24.32
N LEU A 149 40.83 -1.18 -23.50
CA LEU A 149 41.36 -1.64 -22.21
C LEU A 149 41.03 -0.60 -21.15
N ASN A 150 39.98 -0.84 -20.38
CA ASN A 150 39.64 -0.03 -19.21
C ASN A 150 39.71 -0.95 -18.00
N VAL A 151 40.86 -0.92 -17.30
CA VAL A 151 41.07 -1.84 -16.19
C VAL A 151 39.94 -1.72 -15.17
N GLY A 152 39.52 -0.49 -14.87
CA GLY A 152 38.48 -0.30 -13.87
C GLY A 152 37.18 -0.98 -14.24
N LYS A 153 36.81 -0.91 -15.53
CA LYS A 153 35.58 -1.57 -15.97
C LYS A 153 35.74 -3.09 -15.96
N ILE A 154 36.90 -3.59 -16.38
CA ILE A 154 37.16 -5.02 -16.29
C ILE A 154 37.18 -5.47 -14.83
N SER A 155 37.79 -4.66 -13.95
CA SER A 155 37.79 -4.99 -12.53
C SER A 155 36.37 -5.16 -12.01
N ALA A 156 35.49 -4.21 -12.32
CA ALA A 156 34.10 -4.33 -11.88
C ALA A 156 33.47 -5.61 -12.41
N GLU A 157 33.69 -5.92 -13.70
CA GLU A 157 33.04 -7.08 -14.29
C GLU A 157 33.54 -8.37 -13.68
N VAL A 158 34.86 -8.56 -13.64
CA VAL A 158 35.42 -9.80 -13.11
C VAL A 158 35.06 -9.96 -11.64
N MET A 159 35.32 -8.94 -10.83
CA MET A 159 35.13 -9.04 -9.39
C MET A 159 33.67 -9.30 -9.05
N TRP A 160 32.74 -8.67 -9.79
CA TRP A 160 31.33 -8.97 -9.57
C TRP A 160 31.01 -10.41 -9.95
N SER A 161 31.50 -10.85 -11.12
CA SER A 161 31.16 -12.18 -11.61
C SER A 161 31.62 -13.26 -10.64
N LEU A 162 32.86 -13.15 -10.15
CA LEU A 162 33.35 -14.12 -9.16
C LEU A 162 32.54 -14.02 -7.86
N PHE A 163 32.34 -12.80 -7.38
CA PHE A 163 31.51 -12.59 -6.19
C PHE A 163 30.11 -13.15 -6.39
N ALA A 164 29.55 -12.97 -7.59
CA ALA A 164 28.16 -13.33 -7.83
C ALA A 164 27.95 -14.84 -7.68
N GLN A 165 28.84 -15.64 -8.27
CA GLN A 165 28.64 -17.09 -8.25
C GLN A 165 28.90 -17.68 -6.87
N ASP A 166 29.71 -17.04 -6.04
CA ASP A 166 29.82 -17.44 -4.65
C ASP A 166 28.56 -17.04 -3.87
N MET A 167 28.15 -15.77 -4.03
CA MET A 167 26.96 -15.30 -3.34
C MET A 167 25.75 -16.16 -3.68
N LYS A 168 25.58 -16.50 -4.97
CA LYS A 168 24.48 -17.36 -5.38
C LYS A 168 24.46 -18.64 -4.56
N TYR A 169 25.57 -19.38 -4.57
CA TYR A 169 25.63 -20.63 -3.82
C TYR A 169 25.38 -20.39 -2.34
N ALA A 170 25.94 -19.32 -1.78
CA ALA A 170 25.78 -19.05 -0.35
C ALA A 170 24.33 -18.85 0.02
N MET A 171 23.57 -18.14 -0.82
CA MET A 171 22.16 -17.90 -0.49
C MET A 171 21.33 -19.16 -0.66
N GLU A 172 21.63 -19.97 -1.66
CA GLU A 172 21.00 -21.29 -1.75
C GLU A 172 21.22 -22.08 -0.47
N GLU A 173 22.39 -21.91 0.15
CA GLU A 173 22.68 -22.62 1.39
C GLU A 173 21.87 -22.05 2.55
N HIS A 174 21.80 -20.73 2.65
CA HIS A 174 21.00 -20.11 3.72
C HIS A 174 19.51 -20.33 3.51
N ASP A 175 19.07 -20.44 2.27
CA ASP A 175 17.66 -20.70 2.00
C ASP A 175 17.21 -22.00 2.67
N LYS A 176 18.08 -23.00 2.69
CA LYS A 176 17.78 -24.30 3.26
C LYS A 176 18.12 -24.39 4.75
N HIS A 177 18.33 -23.26 5.42
CA HIS A 177 18.75 -23.27 6.82
C HIS A 177 18.09 -22.13 7.60
N ARG A 178 18.34 -20.89 7.21
CA ARG A 178 17.66 -19.73 7.79
C ARG A 178 18.03 -19.52 9.25
N LEU A 179 19.33 -19.58 9.54
CA LEU A 179 19.82 -19.41 10.90
C LEU A 179 20.13 -17.96 11.26
N CYS A 180 19.75 -17.01 10.41
CA CYS A 180 20.02 -15.60 10.66
C CYS A 180 18.72 -14.81 10.68
N LYS A 181 18.77 -13.64 11.32
CA LYS A 181 17.64 -12.74 11.32
C LYS A 181 17.34 -12.30 9.89
N SER A 182 16.04 -12.19 9.57
CA SER A 182 15.66 -11.66 8.27
C SER A 182 16.24 -10.28 8.04
N ALA A 183 16.37 -9.47 9.10
CA ALA A 183 17.00 -8.17 8.96
C ALA A 183 18.40 -8.28 8.39
N ASP A 184 19.11 -9.37 8.67
CA ASP A 184 20.46 -9.54 8.13
C ASP A 184 20.42 -9.85 6.64
N TYR A 185 19.58 -10.81 6.24
CA TYR A 185 19.40 -11.07 4.81
C TYR A 185 18.90 -9.83 4.10
N MET A 186 18.07 -9.02 4.78
CA MET A 186 17.52 -7.82 4.17
C MET A 186 18.61 -6.78 3.92
N ASN A 187 19.47 -6.55 4.92
CA ASN A 187 20.54 -5.58 4.76
C ASN A 187 21.55 -6.02 3.71
N LEU A 188 21.77 -7.33 3.58
CA LEU A 188 22.72 -7.82 2.57
C LEU A 188 22.18 -7.58 1.17
N HIS A 189 20.92 -7.96 0.93
CA HIS A 189 20.27 -7.62 -0.34
C HIS A 189 20.49 -6.14 -0.67
N PHE A 190 20.41 -5.28 0.34
CA PHE A 190 20.58 -3.85 0.11
C PHE A 190 22.02 -3.53 -0.29
N LYS A 191 23.00 -4.07 0.44
CA LYS A 191 24.39 -3.79 0.14
C LYS A 191 24.77 -4.34 -1.24
N VAL A 192 24.21 -5.49 -1.62
CA VAL A 192 24.49 -6.05 -2.94
C VAL A 192 23.91 -5.16 -4.03
N LYS A 193 22.68 -4.69 -3.83
CA LYS A 193 22.07 -3.74 -4.77
C LYS A 193 23.01 -2.57 -5.06
N TRP A 194 23.44 -1.89 -4.00
CA TRP A 194 24.32 -0.74 -4.17
C TRP A 194 25.55 -1.12 -4.99
N LEU A 195 26.17 -2.25 -4.67
CA LEU A 195 27.35 -2.69 -5.43
C LEU A 195 27.01 -2.84 -6.91
N TYR A 196 25.95 -3.59 -7.21
CA TYR A 196 25.59 -3.82 -8.61
C TYR A 196 25.31 -2.51 -9.33
N ASN A 197 24.42 -1.68 -8.77
CA ASN A 197 24.03 -0.44 -9.44
C ASN A 197 25.19 0.54 -9.54
N GLU A 198 26.13 0.48 -8.59
CA GLU A 198 27.23 1.44 -8.57
C GLU A 198 28.31 1.11 -9.60
N TYR A 199 28.59 -0.18 -9.82
CA TYR A 199 29.74 -0.59 -10.62
C TYR A 199 29.41 -1.50 -11.80
N VAL A 200 28.28 -2.20 -11.79
CA VAL A 200 28.01 -3.26 -12.76
C VAL A 200 26.88 -2.87 -13.71
N ALA A 201 25.83 -2.22 -13.19
CA ALA A 201 24.60 -2.07 -13.96
C ALA A 201 24.82 -1.39 -15.30
N GLU A 202 25.77 -0.47 -15.39
CA GLU A 202 26.00 0.29 -16.62
C GLU A 202 27.06 -0.33 -17.51
N LEU A 203 27.50 -1.56 -17.22
CA LEU A 203 28.47 -2.21 -18.08
C LEU A 203 27.79 -2.82 -19.31
N PRO A 204 28.48 -2.88 -20.45
CA PRO A 204 27.87 -3.49 -21.64
C PRO A 204 27.31 -4.89 -21.39
N THR A 205 28.09 -5.75 -20.72
CA THR A 205 27.63 -7.11 -20.47
C THR A 205 26.29 -7.14 -19.74
N PHE A 206 26.01 -6.13 -18.91
CA PHE A 206 24.81 -6.10 -18.09
C PHE A 206 23.84 -4.99 -18.46
N LYS A 207 24.27 -4.00 -19.25
CA LYS A 207 23.40 -2.90 -19.64
C LYS A 207 22.38 -3.39 -20.67
N ASP A 208 21.65 -4.45 -20.34
CA ASP A 208 20.66 -5.02 -21.25
C ASP A 208 19.62 -5.81 -20.46
N ARG A 209 19.89 -7.10 -20.24
CA ARG A 209 18.92 -7.97 -19.59
C ARG A 209 18.80 -7.62 -18.10
N VAL A 210 17.82 -8.25 -17.46
CA VAL A 210 17.53 -8.02 -16.04
C VAL A 210 18.53 -8.80 -15.20
N PRO A 211 19.09 -8.23 -14.13
CA PRO A 211 20.04 -8.98 -13.30
C PRO A 211 19.38 -10.20 -12.67
N GLU A 212 20.23 -11.06 -12.11
CA GLU A 212 19.78 -12.29 -11.47
C GLU A 212 19.93 -12.26 -9.95
N TYR A 213 20.56 -11.23 -9.39
CA TYR A 213 20.85 -11.20 -7.96
C TYR A 213 19.60 -11.10 -7.11
N PRO A 214 18.53 -10.42 -7.56
CA PRO A 214 17.32 -10.36 -6.71
C PRO A 214 16.73 -11.72 -6.42
N ALA A 215 16.84 -12.68 -7.36
CA ALA A 215 16.30 -14.01 -7.12
C ALA A 215 17.00 -14.71 -5.97
N TRP A 216 18.28 -14.41 -5.76
CA TRP A 216 19.00 -15.03 -4.65
C TRP A 216 18.33 -14.73 -3.32
N PHE A 217 17.73 -13.55 -3.17
CA PHE A 217 17.18 -13.11 -1.91
C PHE A 217 15.66 -13.20 -1.83
N GLU A 218 14.99 -13.46 -2.95
CA GLU A 218 13.52 -13.53 -2.98
C GLU A 218 12.92 -14.32 -1.83
N PRO A 219 13.38 -15.55 -1.51
CA PRO A 219 12.78 -16.27 -0.38
C PRO A 219 13.01 -15.60 0.96
N PHE A 220 14.04 -14.77 1.09
CA PHE A 220 14.33 -14.17 2.39
C PHE A 220 13.46 -12.95 2.69
N VAL A 221 13.03 -12.22 1.66
CA VAL A 221 12.15 -11.08 1.90
C VAL A 221 10.72 -11.54 2.14
N ILE A 222 10.29 -12.57 1.42
CA ILE A 222 8.98 -13.16 1.67
C ILE A 222 8.87 -13.60 3.12
N GLN A 223 9.99 -14.06 3.70
CA GLN A 223 10.02 -14.33 5.13
C GLN A 223 9.91 -13.04 5.93
N TRP A 224 10.65 -12.00 5.53
CA TRP A 224 10.54 -10.71 6.21
C TRP A 224 9.14 -10.14 6.07
N LEU A 225 8.51 -10.35 4.92
CA LEU A 225 7.13 -9.91 4.74
C LEU A 225 6.19 -10.69 5.64
N ASP A 226 6.41 -12.00 5.77
CA ASP A 226 5.61 -12.79 6.69
C ASP A 226 5.78 -12.29 8.12
N GLU A 227 7.02 -12.14 8.57
CA GLU A 227 7.27 -11.57 9.89
C GLU A 227 6.69 -10.16 9.99
N ASN A 228 6.78 -9.39 8.90
CA ASN A 228 6.31 -8.01 8.93
C ASN A 228 4.80 -7.94 9.11
N GLU A 229 4.06 -8.83 8.47
CA GLU A 229 2.61 -8.85 8.66
C GLU A 229 2.24 -9.08 10.11
N GLU A 230 2.97 -9.97 10.79
CA GLU A 230 2.67 -10.26 12.19
C GLU A 230 2.99 -9.05 13.07
N VAL A 231 3.99 -8.26 12.70
CA VAL A 231 4.28 -7.04 13.47
C VAL A 231 3.22 -5.99 13.23
N SER A 232 2.62 -5.98 12.03
CA SER A 232 1.57 -5.01 11.73
C SER A 232 0.30 -5.33 12.50
N ARG A 233 -0.01 -6.62 12.70
CA ARG A 233 -1.15 -7.00 13.50
C ARG A 233 -0.99 -6.55 14.94
N ASP A 234 0.16 -6.85 15.55
CA ASP A 234 0.38 -6.48 16.94
C ASP A 234 0.42 -4.97 17.12
N PHE A 235 0.81 -4.22 16.09
CA PHE A 235 0.77 -2.77 16.17
C PHE A 235 -0.66 -2.25 16.05
N LEU A 236 -1.47 -2.87 15.21
CA LEU A 236 -2.87 -2.49 15.06
C LEU A 236 -3.59 -2.52 16.41
N HIS A 237 -3.47 -3.62 17.13
CA HIS A 237 -4.21 -3.79 18.38
C HIS A 237 -3.86 -2.68 19.37
N GLY A 238 -2.57 -2.53 19.67
CA GLY A 238 -2.15 -1.49 20.60
C GLY A 238 -2.38 -0.09 20.09
N ALA A 239 -2.55 0.08 18.77
CA ALA A 239 -2.82 1.40 18.22
C ALA A 239 -4.27 1.81 18.43
N LEU A 240 -5.18 0.84 18.53
CA LEU A 240 -6.58 1.14 18.81
C LEU A 240 -6.81 1.35 20.30
N GLU A 241 -6.18 0.53 21.15
CA GLU A 241 -6.33 0.70 22.59
C GLU A 241 -5.80 2.05 23.04
N ARG A 242 -4.66 2.46 22.50
CA ARG A 242 -4.17 3.82 22.76
C ARG A 242 -5.18 4.86 22.29
N ASP A 243 -5.96 4.55 21.27
CA ASP A 243 -7.01 5.45 20.79
C ASP A 243 -8.33 5.23 21.51
N LYS A 244 -8.60 4.00 21.96
CA LYS A 244 -9.81 3.73 22.72
C LYS A 244 -9.75 4.39 24.09
N LYS A 245 -8.67 4.15 24.84
CA LYS A 245 -8.47 4.86 26.10
C LYS A 245 -8.48 6.36 25.90
N ASP A 246 -7.98 6.85 24.76
CA ASP A 246 -8.01 8.27 24.47
C ASP A 246 -9.41 8.77 24.16
N GLY A 247 -10.33 7.88 23.82
CA GLY A 247 -11.69 8.26 23.52
C GLY A 247 -11.97 8.58 22.07
N PHE A 248 -11.11 8.16 21.16
CA PHE A 248 -11.32 8.38 19.72
C PHE A 248 -11.41 9.87 19.39
N GLN A 249 -10.66 10.69 20.11
CA GLN A 249 -10.63 12.12 19.82
C GLN A 249 -10.17 12.35 18.38
N GLN A 250 -10.94 13.15 17.65
CA GLN A 250 -10.53 13.51 16.30
C GLN A 250 -9.24 14.33 16.35
N THR A 251 -8.32 14.02 15.43
CA THR A 251 -6.98 14.59 15.52
C THR A 251 -7.00 16.11 15.42
N SER A 252 -7.97 16.68 14.70
CA SER A 252 -8.06 18.12 14.57
C SER A 252 -9.45 18.48 14.07
N GLU A 253 -9.78 19.77 14.18
CA GLU A 253 -11.10 20.24 13.77
C GLU A 253 -11.36 19.97 12.30
N HIS A 254 -10.30 19.89 11.47
CA HIS A 254 -10.45 19.57 10.06
C HIS A 254 -10.37 18.07 9.80
N ALA A 255 -9.68 17.32 10.66
CA ALA A 255 -9.50 15.88 10.49
C ALA A 255 -10.64 15.16 11.20
N LEU A 256 -11.50 14.49 10.43
CA LEU A 256 -12.68 13.83 10.95
C LEU A 256 -12.42 12.41 11.44
N PHE A 257 -11.16 12.03 11.58
CA PHE A 257 -10.80 10.69 12.03
C PHE A 257 -9.86 10.78 13.23
N SER A 258 -9.76 9.67 13.95
CA SER A 258 -8.95 9.61 15.17
C SER A 258 -7.50 9.28 14.82
N CYS A 259 -6.68 9.11 15.86
CA CYS A 259 -5.25 8.95 15.68
C CYS A 259 -4.85 7.55 15.27
N SER A 260 -5.68 6.53 15.55
CA SER A 260 -5.30 5.16 15.21
C SER A 260 -5.29 4.93 13.70
N VAL A 261 -5.98 5.76 12.92
CA VAL A 261 -6.00 5.58 11.48
C VAL A 261 -4.66 5.99 10.88
N VAL A 262 -4.10 7.11 11.32
CA VAL A 262 -2.81 7.55 10.79
C VAL A 262 -1.70 6.62 11.25
N ASP A 263 -1.85 6.03 12.44
CA ASP A 263 -0.83 5.10 12.94
C ASP A 263 -0.75 3.85 12.07
N VAL A 264 -1.91 3.27 11.73
CA VAL A 264 -1.92 2.03 10.94
C VAL A 264 -1.35 2.29 9.55
N PHE A 265 -1.76 3.37 8.90
CA PHE A 265 -1.26 3.66 7.56
C PHE A 265 0.15 4.23 7.57
N SER A 266 0.58 4.85 8.68
CA SER A 266 1.97 5.26 8.78
C SER A 266 2.90 4.06 8.82
N GLN A 267 2.51 3.00 9.52
CA GLN A 267 3.31 1.78 9.54
C GLN A 267 3.28 1.08 8.19
N LEU A 268 2.07 0.74 7.72
CA LEU A 268 1.94 0.05 6.45
C LEU A 268 2.75 0.73 5.36
N ASN A 269 2.90 2.06 5.45
CA ASN A 269 3.75 2.76 4.49
C ASN A 269 5.22 2.53 4.78
N GLN A 270 5.62 2.61 6.05
CA GLN A 270 6.99 2.31 6.43
C GLN A 270 7.41 0.94 5.92
N SER A 271 6.59 -0.08 6.17
CA SER A 271 6.89 -1.41 5.67
C SER A 271 7.00 -1.43 4.15
N PHE A 272 6.09 -0.74 3.47
CA PHE A 272 6.16 -0.66 2.02
C PHE A 272 7.44 0.04 1.57
N GLU A 273 7.84 1.10 2.28
CA GLU A 273 9.03 1.83 1.90
C GLU A 273 10.26 0.93 1.94
N ILE A 274 10.32 0.01 2.90
CA ILE A 274 11.43 -0.94 2.97
C ILE A 274 11.60 -1.64 1.63
N ILE A 275 10.50 -2.18 1.09
CA ILE A 275 10.56 -2.95 -0.15
C ILE A 275 10.96 -2.07 -1.32
N LYS A 276 10.82 -0.75 -1.19
CA LYS A 276 11.16 0.16 -2.28
C LYS A 276 12.63 0.56 -2.27
N LYS A 277 13.26 0.65 -1.09
CA LYS A 277 14.67 0.99 -1.02
C LYS A 277 15.53 -0.06 -1.72
N LEU A 278 14.99 -1.26 -1.98
CA LEU A 278 15.75 -2.30 -2.67
C LEU A 278 15.74 -2.12 -4.18
N GLU A 279 14.84 -1.30 -4.71
CA GLU A 279 14.79 -1.01 -6.14
C GLU A 279 14.92 -2.31 -6.94
N CYS A 280 14.12 -3.30 -6.57
CA CYS A 280 14.17 -4.60 -7.21
C CYS A 280 14.00 -4.44 -8.72
N PRO A 281 15.01 -4.79 -9.52
CA PRO A 281 14.91 -4.61 -10.98
C PRO A 281 14.25 -5.75 -11.74
N ASP A 282 13.75 -6.78 -11.05
CA ASP A 282 13.08 -7.88 -11.73
C ASP A 282 11.57 -7.70 -11.60
N PRO A 283 10.86 -7.32 -12.65
CA PRO A 283 9.41 -7.07 -12.50
C PRO A 283 8.63 -8.29 -12.04
N GLN A 284 9.03 -9.51 -12.45
CA GLN A 284 8.34 -10.69 -11.95
C GLN A 284 8.48 -10.82 -10.45
N ILE A 285 9.64 -10.43 -9.91
CA ILE A 285 9.87 -10.55 -8.47
C ILE A 285 9.17 -9.41 -7.72
N VAL A 286 9.23 -8.19 -8.24
CA VAL A 286 8.53 -7.08 -7.58
C VAL A 286 7.04 -7.35 -7.56
N GLY A 287 6.50 -7.92 -8.63
CA GLY A 287 5.10 -8.33 -8.62
C GLY A 287 4.81 -9.35 -7.54
N HIS A 288 5.77 -10.25 -7.30
CA HIS A 288 5.61 -11.24 -6.24
C HIS A 288 5.59 -10.58 -4.86
N TYR A 289 6.47 -9.60 -4.64
CA TYR A 289 6.47 -8.88 -3.37
C TYR A 289 5.18 -8.10 -3.19
N MET A 290 4.73 -7.39 -4.23
CA MET A 290 3.48 -6.65 -4.13
C MET A 290 2.31 -7.59 -3.87
N ARG A 291 2.26 -8.72 -4.57
CA ARG A 291 1.22 -9.71 -4.31
C ARG A 291 1.14 -10.04 -2.83
N ARG A 292 2.28 -10.28 -2.20
CA ARG A 292 2.29 -10.68 -0.80
C ARG A 292 1.91 -9.53 0.12
N PHE A 293 2.39 -8.32 -0.18
CA PHE A 293 2.11 -7.19 0.71
C PHE A 293 0.66 -6.76 0.58
N ALA A 294 0.03 -6.97 -0.58
CA ALA A 294 -1.40 -6.71 -0.69
C ALA A 294 -2.19 -7.58 0.28
N LYS A 295 -1.73 -8.82 0.49
CA LYS A 295 -2.37 -9.69 1.47
C LYS A 295 -2.22 -9.12 2.88
N THR A 296 -1.07 -8.50 3.17
CA THR A 296 -0.89 -7.87 4.47
C THR A 296 -1.82 -6.68 4.64
N ILE A 297 -1.86 -5.80 3.63
CA ILE A 297 -2.76 -4.65 3.68
C ILE A 297 -4.19 -5.10 3.97
N SER A 298 -4.64 -6.13 3.25
CA SER A 298 -6.00 -6.62 3.45
C SER A 298 -6.22 -7.09 4.89
N ASN A 299 -5.50 -8.14 5.30
CA ASN A 299 -5.71 -8.69 6.62
C ASN A 299 -5.58 -7.64 7.71
N VAL A 300 -4.69 -6.66 7.53
CA VAL A 300 -4.55 -5.60 8.51
C VAL A 300 -5.80 -4.71 8.53
N LEU A 301 -6.16 -4.14 7.37
CA LEU A 301 -7.29 -3.24 7.33
C LEU A 301 -8.59 -3.96 7.68
N LEU A 302 -8.77 -5.18 7.18
CA LEU A 302 -9.96 -5.96 7.56
C LEU A 302 -9.99 -6.19 9.07
N GLN A 303 -8.82 -6.37 9.68
CA GLN A 303 -8.78 -6.50 11.13
C GLN A 303 -9.22 -5.19 11.80
N TYR A 304 -8.75 -4.05 11.28
CA TYR A 304 -9.22 -2.77 11.79
C TYR A 304 -10.74 -2.69 11.72
N ALA A 305 -11.31 -3.10 10.58
CA ALA A 305 -12.76 -3.04 10.42
C ALA A 305 -13.47 -4.05 11.31
N ASP A 306 -12.85 -5.22 11.51
CA ASP A 306 -13.49 -6.25 12.34
C ASP A 306 -13.48 -5.86 13.81
N ILE A 307 -12.53 -5.03 14.23
CA ILE A 307 -12.44 -4.66 15.64
C ILE A 307 -13.54 -3.66 16.00
N VAL A 308 -13.87 -2.75 15.07
CA VAL A 308 -14.88 -1.74 15.35
C VAL A 308 -16.28 -2.36 15.34
N SER A 309 -16.57 -3.18 14.32
CA SER A 309 -17.86 -3.85 14.26
C SER A 309 -18.12 -4.63 15.55
N LYS A 310 -17.07 -5.24 16.11
CA LYS A 310 -17.20 -5.98 17.36
C LYS A 310 -17.56 -5.06 18.52
N ASP A 311 -17.21 -3.78 18.43
CA ASP A 311 -17.45 -2.81 19.50
C ASP A 311 -18.32 -1.64 19.07
N PHE A 312 -18.83 -1.63 17.84
CA PHE A 312 -19.54 -0.45 17.36
C PHE A 312 -20.86 -0.25 18.10
N ALA A 313 -21.63 -1.33 18.27
CA ALA A 313 -22.90 -1.22 18.99
C ALA A 313 -22.69 -0.71 20.41
N SER A 314 -21.60 -1.14 21.05
CA SER A 314 -21.30 -0.69 22.41
C SER A 314 -21.23 0.82 22.52
N TYR A 315 -20.97 1.52 21.42
CA TYR A 315 -20.88 2.97 21.41
C TYR A 315 -22.17 3.64 20.93
N CYS A 316 -23.14 2.87 20.46
CA CYS A 316 -24.40 3.43 19.97
C CYS A 316 -25.30 3.74 21.16
N SER A 317 -25.43 5.02 21.48
CA SER A 317 -26.24 5.48 22.60
C SER A 317 -26.30 7.01 22.52
N LYS A 318 -27.05 7.61 23.45
CA LYS A 318 -27.15 9.06 23.46
C LYS A 318 -25.97 9.71 24.15
N GLU A 319 -25.34 9.02 25.11
CA GLU A 319 -24.21 9.56 25.86
C GLU A 319 -23.13 10.08 24.92
N LYS A 320 -22.45 9.16 24.22
CA LYS A 320 -21.39 9.49 23.28
C LYS A 320 -21.91 9.19 21.87
N GLU A 321 -22.50 10.21 21.24
CA GLU A 321 -22.99 10.08 19.87
C GLU A 321 -21.99 10.59 18.84
N LYS A 322 -20.96 11.33 19.27
CA LYS A 322 -19.90 11.73 18.34
C LYS A 322 -18.97 10.56 18.04
N VAL A 323 -18.71 9.71 19.04
CA VAL A 323 -17.76 8.61 18.84
C VAL A 323 -18.20 7.67 17.72
N PRO A 324 -19.43 7.12 17.73
CA PRO A 324 -19.84 6.27 16.61
C PRO A 324 -19.70 6.95 15.26
N CYS A 325 -19.89 8.26 15.19
CA CYS A 325 -19.71 8.98 13.94
C CYS A 325 -18.25 8.94 13.50
N ILE A 326 -17.32 9.03 14.44
CA ILE A 326 -15.90 9.04 14.09
C ILE A 326 -15.48 7.68 13.54
N LEU A 327 -15.89 6.60 14.21
CA LEU A 327 -15.55 5.25 13.74
C LEU A 327 -15.96 5.04 12.30
N MET A 328 -17.06 5.66 11.87
CA MET A 328 -17.45 5.60 10.47
C MET A 328 -16.51 6.46 9.61
N ASN A 329 -16.13 7.63 10.13
CA ASN A 329 -15.15 8.46 9.43
C ASN A 329 -13.82 7.73 9.32
N ASN A 330 -13.44 6.97 10.36
CA ASN A 330 -12.22 6.18 10.29
C ASN A 330 -12.33 5.11 9.22
N THR A 331 -13.41 4.33 9.24
CA THR A 331 -13.59 3.28 8.24
C THR A 331 -13.55 3.87 6.83
N GLN A 332 -14.20 5.01 6.61
CA GLN A 332 -14.12 5.66 5.31
C GLN A 332 -12.68 6.06 5.00
N GLN A 333 -11.94 6.54 6.02
CA GLN A 333 -10.57 6.96 5.78
C GLN A 333 -9.70 5.80 5.33
N LEU A 334 -9.98 4.59 5.83
CA LEU A 334 -9.30 3.42 5.30
C LEU A 334 -9.50 3.31 3.80
N ARG A 335 -10.72 3.61 3.33
CA ARG A 335 -11.03 3.44 1.91
C ARG A 335 -10.23 4.39 1.04
N VAL A 336 -9.93 5.59 1.53
CA VAL A 336 -9.24 6.58 0.70
C VAL A 336 -7.73 6.44 0.80
N GLN A 337 -7.18 6.27 2.00
CA GLN A 337 -5.74 6.13 2.13
C GLN A 337 -5.25 4.81 1.54
N LEU A 338 -6.11 3.79 1.49
CA LEU A 338 -5.81 2.60 0.70
C LEU A 338 -5.59 2.96 -0.76
N GLU A 339 -6.54 3.71 -1.34
CA GLU A 339 -6.38 4.14 -2.73
C GLU A 339 -5.06 4.87 -2.92
N LYS A 340 -4.73 5.78 -2.00
CA LYS A 340 -3.45 6.47 -2.08
C LYS A 340 -2.29 5.48 -2.00
N MET A 341 -2.43 4.43 -1.18
CA MET A 341 -1.44 3.38 -1.15
C MET A 341 -1.45 2.57 -2.44
N PHE A 342 -2.65 2.23 -2.92
CA PHE A 342 -2.77 1.50 -4.19
C PHE A 342 -2.00 2.19 -5.31
N GLU A 343 -2.03 3.52 -5.35
CA GLU A 343 -1.28 4.25 -6.36
C GLU A 343 0.22 4.14 -6.11
N ALA A 344 0.64 4.30 -4.86
CA ALA A 344 2.06 4.19 -4.53
C ALA A 344 2.64 2.87 -5.00
N MET A 345 1.82 1.81 -5.02
CA MET A 345 2.27 0.48 -5.44
C MET A 345 2.20 0.29 -6.96
N GLY A 346 1.90 1.35 -7.71
CA GLY A 346 1.96 1.31 -9.17
C GLY A 346 0.66 1.59 -9.88
N GLY A 347 -0.47 1.64 -9.18
CA GLY A 347 -1.74 1.90 -9.85
C GLY A 347 -2.08 0.77 -10.80
N LYS A 348 -2.31 1.10 -12.08
CA LYS A 348 -2.59 0.08 -13.07
C LYS A 348 -1.35 -0.70 -13.45
N GLU A 349 -0.16 -0.10 -13.29
CA GLU A 349 1.08 -0.83 -13.51
C GLU A 349 1.25 -1.96 -12.52
N LEU A 350 0.49 -1.93 -11.41
CA LEU A 350 0.61 -2.96 -10.39
C LEU A 350 0.26 -4.33 -10.94
N ASP A 351 0.88 -5.36 -10.36
CA ASP A 351 0.55 -6.73 -10.70
C ASP A 351 -0.95 -6.95 -10.59
N ALA A 352 -1.48 -7.76 -11.52
CA ALA A 352 -2.93 -7.97 -11.58
C ALA A 352 -3.46 -8.60 -10.29
N GLU A 353 -2.83 -9.70 -9.85
CA GLU A 353 -3.28 -10.36 -8.63
C GLU A 353 -3.19 -9.43 -7.43
N ALA A 354 -2.14 -8.62 -7.37
CA ALA A 354 -2.02 -7.65 -6.28
C ALA A 354 -3.09 -6.57 -6.41
N SER A 355 -3.33 -6.09 -7.63
CA SER A 355 -4.38 -5.09 -7.85
C SER A 355 -5.76 -5.65 -7.54
N GLY A 356 -5.98 -6.94 -7.82
CA GLY A 356 -7.26 -7.55 -7.51
C GLY A 356 -7.49 -7.78 -6.03
N THR A 357 -6.40 -8.00 -5.28
CA THR A 357 -6.52 -8.17 -3.84
C THR A 357 -6.95 -6.87 -3.15
N LEU A 358 -6.54 -5.72 -3.69
CA LEU A 358 -6.86 -4.45 -3.05
C LEU A 358 -8.23 -3.94 -3.49
N LYS A 359 -8.58 -4.13 -4.77
CA LYS A 359 -9.90 -3.73 -5.22
C LYS A 359 -10.99 -4.61 -4.61
N GLU A 360 -10.71 -5.90 -4.45
CA GLU A 360 -11.60 -6.77 -3.68
C GLU A 360 -11.64 -6.36 -2.22
N LEU A 361 -10.58 -5.69 -1.72
CA LEU A 361 -10.58 -5.16 -0.37
C LEU A 361 -11.33 -3.83 -0.31
N GLN A 362 -11.16 -2.99 -1.33
CA GLN A 362 -11.93 -1.75 -1.40
C GLN A 362 -13.43 -2.02 -1.35
N VAL A 363 -13.87 -3.17 -1.86
CA VAL A 363 -15.29 -3.51 -1.83
C VAL A 363 -15.70 -3.96 -0.44
N LYS A 364 -14.98 -4.93 0.13
CA LYS A 364 -15.32 -5.42 1.46
C LYS A 364 -15.30 -4.28 2.48
N LEU A 365 -14.36 -3.34 2.31
CA LEU A 365 -14.31 -2.19 3.22
C LEU A 365 -15.56 -1.32 3.06
N ASN A 366 -16.01 -1.12 1.82
CA ASN A 366 -17.21 -0.31 1.60
C ASN A 366 -18.44 -0.97 2.21
N ASN A 367 -18.52 -2.31 2.11
CA ASN A 367 -19.65 -3.02 2.70
C ASN A 367 -19.67 -2.89 4.21
N VAL A 368 -18.50 -2.76 4.83
CA VAL A 368 -18.45 -2.54 6.28
C VAL A 368 -19.08 -1.19 6.63
N LEU A 369 -18.77 -0.15 5.86
CA LEU A 369 -19.37 1.16 6.11
C LEU A 369 -20.89 1.08 6.10
N ASP A 370 -21.47 0.36 5.14
CA ASP A 370 -22.91 0.18 5.09
C ASP A 370 -23.42 -0.46 6.37
N GLU A 371 -22.86 -1.62 6.74
CA GLU A 371 -23.29 -2.30 7.96
C GLU A 371 -23.18 -1.38 9.17
N LEU A 372 -22.14 -0.55 9.21
CA LEU A 372 -21.97 0.36 10.34
C LEU A 372 -23.04 1.45 10.36
N SER A 373 -23.32 2.03 9.19
CA SER A 373 -24.38 3.04 9.12
C SER A 373 -25.74 2.44 9.46
N HIS A 374 -25.98 1.20 9.02
CA HIS A 374 -27.23 0.53 9.35
C HIS A 374 -27.36 0.35 10.86
N VAL A 375 -26.26 -0.05 11.52
CA VAL A 375 -26.29 -0.20 12.97
C VAL A 375 -26.51 1.15 13.65
N PHE A 376 -25.99 2.23 13.05
CA PHE A 376 -26.12 3.54 13.66
C PHE A 376 -27.53 4.10 13.49
N ALA A 377 -28.14 3.90 12.33
CA ALA A 377 -29.53 4.33 12.15
C ALA A 377 -30.48 3.53 13.03
N THR A 378 -30.28 2.20 13.09
CA THR A 378 -31.12 1.37 13.93
C THR A 378 -30.94 1.67 15.41
N SER A 379 -29.82 2.31 15.78
CA SER A 379 -29.66 2.77 17.15
C SER A 379 -30.75 3.75 17.57
N PHE A 380 -31.46 4.34 16.59
CA PHE A 380 -32.51 5.30 16.88
C PHE A 380 -33.92 4.72 16.74
N GLN A 381 -34.07 3.58 16.08
CA GLN A 381 -35.39 3.01 15.82
C GLN A 381 -36.33 3.07 17.02
N PRO A 382 -35.93 2.71 18.23
CA PRO A 382 -36.86 2.85 19.36
C PRO A 382 -37.33 4.28 19.57
N HIS A 383 -36.43 5.25 19.46
CA HIS A 383 -36.81 6.65 19.61
C HIS A 383 -37.69 7.13 18.46
N ILE A 384 -37.47 6.59 17.26
CA ILE A 384 -38.28 7.01 16.11
C ILE A 384 -39.70 6.48 16.24
N GLU A 385 -39.85 5.19 16.54
CA GLU A 385 -41.18 4.61 16.71
C GLU A 385 -41.97 5.36 17.77
N GLU A 386 -41.31 5.77 18.86
CA GLU A 386 -41.99 6.58 19.87
C GLU A 386 -42.38 7.94 19.32
N CYS A 387 -41.60 8.47 18.39
CA CYS A 387 -41.94 9.75 17.78
C CYS A 387 -43.02 9.63 16.72
N VAL A 388 -43.17 8.46 16.10
CA VAL A 388 -44.15 8.31 15.03
C VAL A 388 -45.53 7.95 15.55
N ARG A 389 -45.63 7.17 16.64
CA ARG A 389 -46.92 6.97 17.28
C ARG A 389 -47.38 8.23 18.02
N GLN A 390 -46.43 9.07 18.41
CA GLN A 390 -46.75 10.33 19.06
C GLN A 390 -47.26 11.36 18.06
N MET A 391 -46.79 11.31 16.82
CA MET A 391 -47.33 12.17 15.76
C MET A 391 -48.55 11.55 15.10
N GLY A 392 -48.78 10.25 15.26
CA GLY A 392 -50.03 9.65 14.82
C GLY A 392 -51.19 9.99 15.72
N ASP A 393 -50.93 10.16 17.02
CA ASP A 393 -51.99 10.59 17.93
C ASP A 393 -52.42 12.02 17.63
N ILE A 394 -51.47 12.91 17.34
CA ILE A 394 -51.81 14.30 17.03
C ILE A 394 -52.63 14.35 15.75
N LEU A 395 -52.27 13.53 14.76
CA LEU A 395 -53.04 13.51 13.51
C LEU A 395 -54.47 13.08 13.75
N SER A 396 -54.68 12.14 14.68
CA SER A 396 -56.04 11.68 14.97
C SER A 396 -56.87 12.77 15.63
N GLN A 397 -56.23 13.74 16.28
CA GLN A 397 -56.93 14.85 16.90
C GLN A 397 -57.15 16.03 15.96
N VAL A 398 -56.79 15.89 14.68
CA VAL A 398 -57.02 16.93 13.70
C VAL A 398 -58.45 16.84 13.21
N LYS A 399 -59.18 17.95 13.29
CA LYS A 399 -60.56 18.00 12.83
C LYS A 399 -60.90 19.42 12.40
N GLY A 400 -61.77 19.53 11.42
CA GLY A 400 -62.25 20.83 10.98
C GLY A 400 -62.99 21.57 12.09
N THR A 401 -62.60 22.82 12.34
CA THR A 401 -63.19 23.62 13.40
C THR A 401 -63.73 24.96 12.93
N GLY A 402 -63.59 25.30 11.65
CA GLY A 402 -64.04 26.58 11.13
C GLY A 402 -65.54 26.62 10.92
N ASN A 403 -66.24 25.59 11.41
CA ASN A 403 -67.69 25.54 11.25
C ASN A 403 -68.36 26.73 11.90
N VAL A 404 -67.86 27.15 13.06
CA VAL A 404 -68.43 28.28 13.80
C VAL A 404 -67.40 29.40 13.80
N PRO A 405 -67.80 30.68 13.70
CA PRO A 405 -66.82 31.77 13.72
C PRO A 405 -65.93 31.72 14.96
N ALA A 406 -65.07 30.69 15.04
CA ALA A 406 -64.19 30.55 16.20
C ALA A 406 -62.97 31.45 16.06
N SER A 407 -62.37 31.50 14.88
CA SER A 407 -61.19 32.32 14.60
C SER A 407 -59.92 31.67 15.13
N ALA A 408 -60.03 30.95 16.25
CA ALA A 408 -58.90 30.22 16.82
C ALA A 408 -58.69 28.86 16.19
N CYS A 409 -59.27 28.60 15.01
CA CYS A 409 -59.09 27.31 14.36
C CYS A 409 -57.66 27.17 13.86
N SER A 410 -57.17 25.93 13.85
CA SER A 410 -55.81 25.63 13.46
C SER A 410 -55.79 25.24 11.99
N SER A 411 -54.99 25.94 11.20
CA SER A 411 -54.89 25.66 9.78
C SER A 411 -54.16 24.34 9.55
N VAL A 412 -54.30 23.82 8.32
CA VAL A 412 -53.58 22.61 7.94
C VAL A 412 -52.09 22.81 8.15
N ALA A 413 -51.57 23.99 7.81
CA ALA A 413 -50.16 24.28 8.01
C ALA A 413 -49.77 24.19 9.47
N GLN A 414 -50.57 24.81 10.34
CA GLN A 414 -50.27 24.78 11.77
C GLN A 414 -50.34 23.37 12.32
N ASP A 415 -51.31 22.58 11.86
CA ASP A 415 -51.46 21.22 12.37
C ASP A 415 -50.29 20.34 11.93
N ALA A 416 -49.84 20.51 10.69
CA ALA A 416 -48.70 19.72 10.22
C ALA A 416 -47.46 19.96 11.07
N ASP A 417 -47.25 21.21 11.48
CA ASP A 417 -46.12 21.51 12.37
C ASP A 417 -46.30 20.83 13.71
N ASN A 418 -47.53 20.80 14.24
CA ASN A 418 -47.78 20.15 15.51
C ASN A 418 -47.64 18.64 15.40
N VAL A 419 -47.83 18.08 14.21
CA VAL A 419 -47.66 16.64 14.01
C VAL A 419 -46.18 16.28 13.95
N LEU A 420 -45.38 17.11 13.27
CA LEU A 420 -43.97 16.81 13.10
C LEU A 420 -43.15 17.08 14.36
N GLN A 421 -43.61 17.99 15.21
CA GLN A 421 -42.80 18.46 16.33
C GLN A 421 -42.19 17.33 17.16
N PRO A 422 -42.88 16.22 17.46
CA PRO A 422 -42.21 15.15 18.23
C PRO A 422 -40.95 14.64 17.55
N ILE A 423 -40.96 14.45 16.23
CA ILE A 423 -39.77 13.97 15.54
C ILE A 423 -38.79 15.07 15.19
N MET A 424 -39.15 16.34 15.40
CA MET A 424 -38.24 17.43 15.08
C MET A 424 -37.05 17.46 16.04
N ASP A 425 -37.24 17.03 17.28
CA ASP A 425 -36.13 16.95 18.22
C ASP A 425 -34.99 16.10 17.68
N LEU A 426 -35.28 15.24 16.71
CA LEU A 426 -34.24 14.44 16.05
C LEU A 426 -33.51 15.26 15.00
N LEU A 427 -34.25 15.87 14.08
CA LEU A 427 -33.64 16.56 12.96
C LEU A 427 -32.71 17.68 13.42
N ASP A 428 -33.26 18.65 14.17
CA ASP A 428 -32.46 19.81 14.56
C ASP A 428 -31.31 19.42 15.45
N SER A 429 -31.54 18.54 16.42
CA SER A 429 -30.52 18.21 17.41
C SER A 429 -29.43 17.31 16.85
N ASN A 430 -29.74 16.50 15.83
CA ASN A 430 -28.80 15.49 15.34
C ASN A 430 -28.35 15.75 13.91
N LEU A 431 -29.27 15.91 12.97
CA LEU A 431 -28.87 16.13 11.58
C LEU A 431 -28.07 17.40 11.39
N THR A 432 -28.10 18.32 12.35
CA THR A 432 -27.15 19.43 12.38
C THR A 432 -25.86 19.06 13.09
N LEU A 433 -25.91 18.07 13.98
CA LEU A 433 -24.69 17.54 14.61
C LEU A 433 -23.96 16.59 13.69
N PHE A 434 -24.68 15.80 12.88
CA PHE A 434 -24.05 14.84 12.00
C PHE A 434 -23.21 15.53 10.93
N ALA A 435 -23.86 16.32 10.07
CA ALA A 435 -23.15 17.04 9.02
C ALA A 435 -21.99 17.86 9.58
N LYS A 436 -22.03 18.19 10.88
CA LYS A 436 -20.92 18.90 11.50
C LYS A 436 -19.71 18.00 11.72
N ILE A 437 -19.94 16.70 11.98
CA ILE A 437 -18.86 15.78 12.30
C ILE A 437 -19.01 14.50 11.47
N CYS A 438 -19.15 14.64 10.15
CA CYS A 438 -19.30 13.49 9.28
C CYS A 438 -18.60 13.77 7.95
N GLU A 439 -17.83 12.80 7.47
CA GLU A 439 -17.41 12.82 6.08
C GLU A 439 -18.64 12.92 5.19
N LYS A 440 -18.52 13.67 4.09
CA LYS A 440 -19.63 13.79 3.14
C LYS A 440 -20.18 12.42 2.77
N THR A 441 -19.29 11.50 2.38
CA THR A 441 -19.74 10.15 2.02
C THR A 441 -20.44 9.47 3.19
N VAL A 442 -19.95 9.69 4.41
CA VAL A 442 -20.56 9.05 5.57
C VAL A 442 -21.94 9.61 5.84
N LEU A 443 -22.06 10.94 5.86
CA LEU A 443 -23.37 11.58 6.08
C LEU A 443 -24.39 11.07 5.09
N LYS A 444 -24.02 11.03 3.80
CA LYS A 444 -24.93 10.54 2.78
C LYS A 444 -25.43 9.13 3.10
N ARG A 445 -24.56 8.31 3.71
CA ARG A 445 -24.95 6.94 4.03
C ARG A 445 -25.88 6.89 5.24
N VAL A 446 -25.60 7.71 6.26
CA VAL A 446 -26.40 7.67 7.48
C VAL A 446 -27.81 8.20 7.23
N LEU A 447 -27.92 9.30 6.48
CA LEU A 447 -29.23 9.88 6.21
C LEU A 447 -30.07 8.95 5.35
N LYS A 448 -29.48 8.37 4.30
CA LYS A 448 -30.18 7.40 3.48
C LYS A 448 -30.73 6.25 4.32
N GLU A 449 -30.15 6.00 5.48
CA GLU A 449 -30.60 4.94 6.37
C GLU A 449 -31.65 5.42 7.35
N LEU A 450 -31.46 6.59 7.95
CA LEU A 450 -32.49 7.18 8.79
C LEU A 450 -33.75 7.45 7.98
N TRP A 451 -33.59 7.95 6.75
CA TRP A 451 -34.74 8.17 5.87
C TRP A 451 -35.57 6.90 5.73
N LYS A 452 -34.92 5.79 5.34
CA LYS A 452 -35.64 4.53 5.20
C LYS A 452 -36.41 4.19 6.46
N LEU A 453 -35.81 4.45 7.63
CA LEU A 453 -36.43 4.03 8.89
C LEU A 453 -37.66 4.86 9.20
N VAL A 454 -37.65 6.15 8.85
CA VAL A 454 -38.81 6.99 9.08
C VAL A 454 -39.96 6.57 8.16
N MET A 455 -39.68 6.42 6.87
CA MET A 455 -40.72 6.00 5.93
C MET A 455 -41.25 4.61 6.29
N ASN A 456 -40.41 3.76 6.87
CA ASN A 456 -40.85 2.44 7.30
C ASN A 456 -41.75 2.54 8.52
N THR A 457 -41.30 3.26 9.55
CA THR A 457 -42.09 3.40 10.76
C THR A 457 -43.44 4.03 10.49
N MET A 458 -43.46 5.12 9.71
CA MET A 458 -44.72 5.77 9.40
C MET A 458 -45.67 4.82 8.67
N GLU A 459 -45.13 4.00 7.76
CA GLU A 459 -45.95 3.05 7.02
C GLU A 459 -46.55 1.98 7.92
N ARG A 460 -46.06 1.84 9.15
CA ARG A 460 -46.54 0.84 10.08
C ARG A 460 -47.34 1.42 11.25
N THR A 461 -47.16 2.70 11.55
CA THR A 461 -47.74 3.28 12.76
C THR A 461 -48.96 4.14 12.45
N ILE A 462 -48.74 5.29 11.81
CA ILE A 462 -49.84 6.24 11.62
C ILE A 462 -50.84 5.71 10.59
N VAL A 463 -50.38 4.87 9.65
CA VAL A 463 -51.30 4.28 8.69
C VAL A 463 -52.30 3.37 9.40
N LEU A 464 -51.79 2.46 10.23
CA LEU A 464 -52.63 1.48 10.91
C LEU A 464 -53.37 0.67 9.86
N PRO A 465 -52.68 -0.11 9.04
CA PRO A 465 -53.33 -0.85 7.95
C PRO A 465 -54.46 -1.71 8.48
N PRO A 466 -55.52 -1.90 7.71
CA PRO A 466 -56.68 -2.66 8.20
C PRO A 466 -56.32 -4.12 8.41
N GLU A 467 -57.00 -4.74 9.37
CA GLU A 467 -56.70 -6.11 9.77
C GLU A 467 -57.58 -7.11 9.04
N PHE A 468 -57.16 -8.37 9.08
CA PHE A 468 -57.93 -9.48 8.55
C PHE A 468 -58.94 -9.96 9.59
N SER A 469 -60.08 -10.45 9.10
CA SER A 469 -61.10 -11.02 9.96
C SER A 469 -61.91 -12.03 9.16
N LYS A 470 -62.47 -13.01 9.86
CA LYS A 470 -63.28 -14.04 9.23
C LYS A 470 -64.60 -13.42 8.79
N LEU A 471 -64.77 -13.24 7.48
CA LEU A 471 -66.00 -12.64 6.97
C LEU A 471 -67.10 -13.69 6.87
N LYS A 472 -67.02 -14.55 5.87
CA LYS A 472 -68.01 -15.61 5.69
C LYS A 472 -67.38 -16.97 6.00
N ASP A 473 -66.62 -17.50 5.04
CA ASP A 473 -65.96 -18.80 5.20
C ASP A 473 -64.46 -18.71 4.98
N HIS A 474 -63.89 -17.51 5.01
CA HIS A 474 -62.45 -17.35 4.84
C HIS A 474 -62.07 -15.92 5.22
N MET A 475 -60.76 -15.70 5.36
CA MET A 475 -60.23 -14.48 5.95
C MET A 475 -60.11 -13.38 4.91
N VAL A 476 -60.76 -12.25 5.14
CA VAL A 476 -60.74 -11.10 4.24
C VAL A 476 -60.27 -9.88 5.01
N ARG A 477 -59.55 -8.99 4.30
CA ARG A 477 -59.07 -7.76 4.90
C ARG A 477 -60.18 -6.73 4.95
N GLU A 478 -60.31 -6.06 6.09
CA GLU A 478 -61.37 -5.10 6.30
C GLU A 478 -61.08 -3.79 5.56
N GLU A 479 -62.14 -3.02 5.33
CA GLU A 479 -62.01 -1.74 4.64
C GLU A 479 -61.26 -0.74 5.52
N ALA A 480 -60.44 0.07 4.89
CA ALA A 480 -59.63 1.05 5.62
C ALA A 480 -60.51 2.19 6.12
N LYS A 481 -60.27 2.60 7.36
CA LYS A 481 -60.97 3.74 7.95
C LYS A 481 -60.40 5.02 7.35
N SER A 482 -61.17 5.67 6.48
CA SER A 482 -60.68 6.84 5.75
C SER A 482 -60.34 7.97 6.72
N LEU A 483 -59.28 8.71 6.40
CA LEU A 483 -58.98 9.95 7.09
C LEU A 483 -59.94 11.05 6.62
N THR A 484 -60.17 12.02 7.50
CA THR A 484 -61.00 13.15 7.13
C THR A 484 -60.24 14.06 6.17
N PRO A 485 -60.96 14.84 5.35
CA PRO A 485 -60.27 15.69 4.36
C PRO A 485 -59.16 16.53 4.95
N LYS A 486 -59.36 17.08 6.16
CA LYS A 486 -58.30 17.84 6.80
C LYS A 486 -57.10 16.94 7.13
N GLN A 487 -57.37 15.77 7.72
CA GLN A 487 -56.28 14.86 8.05
C GLN A 487 -55.46 14.50 6.82
N CYS A 488 -56.11 14.24 5.69
CA CYS A 488 -55.40 14.04 4.44
C CYS A 488 -54.40 15.17 4.20
N ALA A 489 -54.91 16.41 4.19
CA ALA A 489 -54.06 17.56 3.88
C ALA A 489 -52.89 17.67 4.86
N VAL A 490 -53.11 17.33 6.12
CA VAL A 490 -52.06 17.48 7.12
C VAL A 490 -50.99 16.39 6.94
N VAL A 491 -51.41 15.17 6.60
CA VAL A 491 -50.43 14.10 6.36
C VAL A 491 -49.54 14.44 5.18
N GLU A 492 -50.17 14.77 4.03
CA GLU A 492 -49.40 15.03 2.82
C GLU A 492 -48.41 16.18 3.03
N LEU A 493 -48.87 17.26 3.67
CA LEU A 493 -47.97 18.38 3.96
C LEU A 493 -46.87 17.95 4.91
N ALA A 494 -47.24 17.29 6.01
CA ALA A 494 -46.24 16.79 6.96
C ALA A 494 -45.22 15.91 6.24
N LEU A 495 -45.68 15.06 5.33
CA LEU A 495 -44.77 14.17 4.62
C LEU A 495 -43.83 14.96 3.72
N ASP A 496 -44.37 15.91 2.96
CA ASP A 496 -43.54 16.74 2.10
C ASP A 496 -42.52 17.53 2.92
N THR A 497 -42.89 17.92 4.14
CA THR A 497 -41.96 18.65 5.00
C THR A 497 -40.80 17.76 5.45
N ILE A 498 -41.11 16.53 5.89
CA ILE A 498 -40.06 15.59 6.26
C ILE A 498 -39.07 15.42 5.12
N LYS A 499 -39.58 15.33 3.89
CA LYS A 499 -38.72 15.18 2.73
C LYS A 499 -37.78 16.38 2.59
N GLN A 500 -38.30 17.60 2.76
CA GLN A 500 -37.49 18.79 2.60
C GLN A 500 -36.38 18.85 3.64
N TYR A 501 -36.67 18.41 4.87
CA TYR A 501 -35.66 18.45 5.92
C TYR A 501 -34.52 17.48 5.66
N PHE A 502 -34.80 16.39 4.95
CA PHE A 502 -33.71 15.50 4.52
C PHE A 502 -32.98 16.07 3.31
N HIS A 503 -33.67 16.88 2.50
CA HIS A 503 -33.00 17.58 1.40
C HIS A 503 -32.04 18.63 1.95
N ALA A 504 -32.44 19.33 3.01
CA ALA A 504 -31.61 20.36 3.64
C ALA A 504 -31.07 21.32 2.58
N GLY A 505 -31.97 21.87 1.78
CA GLY A 505 -31.56 22.71 0.67
C GLY A 505 -30.78 21.93 -0.36
N GLY A 506 -29.51 21.67 -0.07
CA GLY A 506 -28.69 20.82 -0.92
C GLY A 506 -27.64 20.06 -0.13
N VAL A 507 -27.64 20.24 1.20
CA VAL A 507 -26.62 19.62 2.04
C VAL A 507 -26.90 18.12 2.22
N GLY A 508 -28.17 17.76 2.34
CA GLY A 508 -28.54 16.37 2.54
C GLY A 508 -28.68 15.60 1.25
N LEU A 509 -29.81 14.92 1.08
CA LEU A 509 -30.03 14.05 -0.06
C LEU A 509 -30.63 14.85 -1.22
N LYS A 510 -30.22 14.49 -2.43
CA LYS A 510 -30.74 15.14 -3.62
C LYS A 510 -32.21 14.78 -3.82
N LYS A 511 -33.01 15.77 -4.22
CA LYS A 511 -34.43 15.53 -4.44
C LYS A 511 -34.68 14.44 -5.46
N THR A 512 -33.71 14.15 -6.33
CA THR A 512 -33.90 13.08 -7.32
C THR A 512 -34.02 11.72 -6.64
N PHE A 513 -33.29 11.50 -5.54
CA PHE A 513 -33.31 10.21 -4.87
C PHE A 513 -34.52 10.07 -3.96
N LEU A 514 -34.89 11.13 -3.26
CA LEU A 514 -36.05 11.05 -2.37
C LEU A 514 -37.31 10.73 -3.16
N GLU A 515 -37.49 11.34 -4.32
CA GLU A 515 -38.69 11.08 -5.13
C GLU A 515 -38.72 9.63 -5.60
N LYS A 516 -37.59 9.11 -6.09
CA LYS A 516 -37.50 7.74 -6.57
C LYS A 516 -37.40 6.71 -5.46
N SER A 517 -37.28 7.14 -4.21
CA SER A 517 -37.10 6.19 -3.11
C SER A 517 -38.26 5.21 -3.07
N PRO A 518 -38.01 3.89 -3.09
CA PRO A 518 -39.12 2.93 -2.98
C PRO A 518 -39.76 2.91 -1.61
N ASP A 519 -39.08 3.40 -0.57
CA ASP A 519 -39.69 3.47 0.74
C ASP A 519 -40.70 4.61 0.83
N LEU A 520 -40.53 5.65 0.01
CA LEU A 520 -41.53 6.70 -0.09
C LEU A 520 -42.73 6.24 -0.92
N GLN A 521 -42.48 5.47 -1.98
CA GLN A 521 -43.59 4.95 -2.78
C GLN A 521 -44.40 3.92 -2.00
N SER A 522 -43.73 3.13 -1.16
CA SER A 522 -44.46 2.17 -0.33
C SER A 522 -45.33 2.88 0.70
N LEU A 523 -44.84 3.98 1.26
CA LEU A 523 -45.63 4.75 2.20
C LEU A 523 -46.76 5.50 1.48
N ARG A 524 -46.48 6.05 0.31
CA ARG A 524 -47.50 6.79 -0.43
C ARG A 524 -48.63 5.88 -0.88
N TYR A 525 -48.30 4.66 -1.31
CA TYR A 525 -49.35 3.69 -1.64
C TYR A 525 -50.15 3.31 -0.39
N ALA A 526 -49.47 3.13 0.74
CA ALA A 526 -50.17 2.83 1.98
C ALA A 526 -51.15 3.94 2.34
N LEU A 527 -50.70 5.19 2.31
CA LEU A 527 -51.58 6.31 2.60
C LEU A 527 -52.79 6.33 1.68
N SER A 528 -52.58 6.01 0.39
CA SER A 528 -53.65 6.16 -0.59
C SER A 528 -54.91 5.41 -0.17
N LEU A 529 -54.78 4.32 0.60
CA LEU A 529 -55.95 3.64 1.12
C LEU A 529 -56.74 4.52 2.08
N TYR A 530 -56.04 5.38 2.83
CA TYR A 530 -56.66 6.26 3.82
C TYR A 530 -56.88 7.67 3.30
N THR A 531 -56.38 8.01 2.11
CA THR A 531 -56.47 9.36 1.57
C THR A 531 -57.53 9.46 0.48
N GLN A 532 -58.44 8.50 0.39
CA GLN A 532 -59.45 8.51 -0.66
C GLN A 532 -60.24 9.82 -0.72
N ALA A 533 -60.31 10.57 0.38
CA ALA A 533 -61.13 11.77 0.42
C ALA A 533 -60.62 12.84 -0.52
N THR A 534 -59.31 13.02 -0.61
CA THR A 534 -58.73 14.09 -1.41
C THR A 534 -57.93 13.59 -2.61
N ASP A 535 -57.66 12.29 -2.71
CA ASP A 535 -56.94 11.78 -3.88
C ASP A 535 -57.72 12.07 -5.15
N LEU A 536 -57.01 12.51 -6.18
CA LEU A 536 -57.63 12.79 -7.47
C LEU A 536 -57.73 11.52 -8.30
N LEU A 537 -58.84 11.38 -9.02
CA LEU A 537 -59.01 10.25 -9.92
C LEU A 537 -58.15 10.42 -11.17
N ILE A 538 -58.09 11.63 -11.69
CA ILE A 538 -57.38 11.93 -12.94
C ILE A 538 -56.30 12.96 -12.60
N LYS A 539 -55.09 12.47 -12.36
CA LYS A 539 -53.96 13.31 -11.99
C LYS A 539 -53.66 14.32 -13.10
#